data_2DVZ
#
_entry.id   2DVZ
#
_cell.length_a   53.829
_cell.length_b   53.829
_cell.length_c   422.660
_cell.angle_alpha   90.00
_cell.angle_beta   90.00
_cell.angle_gamma   120.00
#
_symmetry.space_group_name_H-M   'P 65 2 2'
#
loop_
_entity.id
_entity.type
_entity.pdbx_description
1 polymer 'Putative exported protein'
2 non-polymer 'CADMIUM ION'
3 non-polymer 'GLUTAMIC ACID'
4 water water
#
_entity_poly.entity_id   1
_entity_poly.type   'polypeptide(L)'
_entity_poly.pdbx_seq_one_letter_code
;MRGSHHHHHHGSADAYPSKAIRVIVPFAPGGSTDIIARLVTQR(MSE)SQELGQP(MSE)VVENKGGAGGAIGASEAARA
EPDGYTLSIATVST(MSE)AVNPACRPKDLPYDPIKDFQPVTNFANTANVVAVNPKFPAKDFKGFLEELKKNPGKYSYGS
SGTCGVLHL(MSE)GESFK(MSE)ATGTDIVHVPYKGSGPAVADAVGGQIELIFDNLPSS(MSE)PQIQAGKLRA(MSE)
AIAWPTRIDAIKDVPTFADAGFPVLNQPVWYGLLAPKGTP(MSE)DVVNKLRDAAVVALKDPKVIKALDDQGSAPSGNTP
EEFAKEIKEQYDWAQDVVKKQNIKLD
;
_entity_poly.pdbx_strand_id   A
#
# COMPACT_ATOMS: atom_id res chain seq x y z
N ALA A 15 20.88 -17.86 -19.70
CA ALA A 15 20.98 -17.32 -18.29
C ALA A 15 19.94 -16.22 -17.99
N TYR A 16 19.21 -16.40 -16.90
CA TYR A 16 18.18 -15.46 -16.46
C TYR A 16 18.76 -14.02 -16.32
N PRO A 17 18.04 -13.00 -16.84
CA PRO A 17 16.85 -13.07 -17.69
C PRO A 17 17.23 -12.99 -19.16
N SER A 18 16.52 -13.72 -20.04
CA SER A 18 16.86 -13.82 -21.46
C SER A 18 15.75 -13.17 -22.28
N LYS A 19 14.66 -12.83 -21.58
CA LYS A 19 13.53 -12.15 -22.17
C LYS A 19 12.85 -11.20 -21.12
N ALA A 20 11.85 -10.44 -21.57
CA ALA A 20 11.00 -9.59 -20.73
C ALA A 20 10.42 -10.30 -19.52
N ILE A 21 10.35 -9.54 -18.41
CA ILE A 21 9.76 -10.00 -17.17
C ILE A 21 8.45 -9.23 -16.97
N ARG A 22 7.36 -9.96 -16.74
CA ARG A 22 6.08 -9.40 -16.46
C ARG A 22 6.08 -9.10 -14.95
N VAL A 23 5.57 -7.91 -14.62
CA VAL A 23 5.39 -7.55 -13.23
C VAL A 23 3.95 -7.16 -13.03
N ILE A 24 3.26 -7.96 -12.23
CA ILE A 24 1.87 -7.75 -11.96
C ILE A 24 1.67 -6.84 -10.75
N VAL A 25 0.97 -5.74 -11.00
CA VAL A 25 0.53 -4.82 -9.96
C VAL A 25 -0.95 -5.10 -9.67
N PRO A 26 -1.25 -5.62 -8.47
CA PRO A 26 -2.62 -6.02 -8.13
C PRO A 26 -3.58 -4.85 -7.83
N PHE A 27 -3.29 -3.66 -8.40
CA PHE A 27 -4.14 -2.49 -8.21
C PHE A 27 -4.18 -1.68 -9.49
N ALA A 28 -5.20 -0.83 -9.60
CA ALA A 28 -5.37 0.08 -10.73
C ALA A 28 -4.18 1.03 -10.88
N PRO A 29 -3.99 1.59 -12.08
CA PRO A 29 -2.98 2.60 -12.31
C PRO A 29 -3.11 3.81 -11.39
N GLY A 30 -1.96 4.31 -10.95
CA GLY A 30 -1.93 5.60 -10.30
C GLY A 30 -2.16 5.51 -8.82
N GLY A 31 -2.13 4.31 -8.25
CA GLY A 31 -2.05 4.16 -6.80
C GLY A 31 -0.58 4.08 -6.42
N SER A 32 -0.29 3.89 -5.14
CA SER A 32 1.09 3.81 -4.70
C SER A 32 1.80 2.55 -5.21
N THR A 33 1.11 1.40 -5.25
CA THR A 33 1.68 0.18 -5.80
C THR A 33 2.17 0.41 -7.21
N ASP A 34 1.29 0.89 -8.08
CA ASP A 34 1.67 1.31 -9.43
C ASP A 34 2.81 2.35 -9.48
N ILE A 35 2.74 3.39 -8.64
CA ILE A 35 3.80 4.38 -8.60
C ILE A 35 5.19 3.83 -8.29
N ILE A 36 5.29 3.09 -7.19
CA ILE A 36 6.53 2.52 -6.75
C ILE A 36 7.03 1.37 -7.69
N ALA A 37 6.10 0.47 -8.08
CA ALA A 37 6.37 -0.58 -9.06
C ALA A 37 7.08 -0.01 -10.29
N ARG A 38 6.54 1.06 -10.87
CA ARG A 38 7.11 1.59 -12.12
C ARG A 38 8.45 2.26 -11.87
N LEU A 39 8.57 2.99 -10.75
CA LEU A 39 9.82 3.65 -10.41
C LEU A 39 10.94 2.64 -10.25
N VAL A 40 10.72 1.64 -9.40
CA VAL A 40 11.78 0.67 -9.09
C VAL A 40 12.10 -0.33 -10.23
N THR A 41 11.09 -0.92 -10.87
CA THR A 41 11.32 -1.86 -11.99
C THR A 41 11.93 -1.19 -13.24
N GLN A 42 11.56 0.07 -13.50
CA GLN A 42 12.23 0.86 -14.56
C GLN A 42 13.74 0.88 -14.44
N ARG A 43 14.22 1.13 -13.23
CA ARG A 43 15.63 1.21 -12.94
C ARG A 43 16.26 -0.19 -12.81
N SER A 45 15.32 -2.63 -14.52
CA SER A 45 15.33 -3.13 -15.86
C SER A 45 16.64 -2.77 -16.59
N GLN A 46 17.05 -1.51 -16.41
CA GLN A 46 18.33 -0.98 -16.87
C GLN A 46 19.49 -1.88 -16.39
N GLU A 47 19.41 -2.31 -15.14
CA GLU A 47 20.43 -3.20 -14.53
C GLU A 47 20.38 -4.60 -15.10
N LEU A 48 19.17 -5.15 -15.24
CA LEU A 48 18.96 -6.53 -15.67
C LEU A 48 19.18 -6.77 -17.17
N GLY A 49 19.12 -5.70 -17.95
CA GLY A 49 19.29 -5.78 -19.40
C GLY A 49 18.12 -6.46 -20.11
N GLN A 50 16.96 -6.49 -19.43
CA GLN A 50 15.69 -6.92 -19.98
C GLN A 50 14.56 -6.00 -19.56
N PRO A 51 13.57 -5.76 -20.44
CA PRO A 51 12.39 -5.03 -19.94
C PRO A 51 11.63 -5.76 -18.82
N VAL A 53 7.87 -5.41 -17.52
CA VAL A 53 6.68 -4.81 -18.05
C VAL A 53 5.57 -4.90 -17.03
N VAL A 54 5.11 -3.74 -16.56
CA VAL A 54 4.05 -3.66 -15.55
C VAL A 54 2.69 -3.95 -16.16
N GLU A 55 1.95 -4.81 -15.46
CA GLU A 55 0.59 -5.18 -15.81
C GLU A 55 -0.25 -4.79 -14.62
N ASN A 56 -1.25 -3.96 -14.84
CA ASN A 56 -2.14 -3.62 -13.75
C ASN A 56 -3.33 -4.57 -13.78
N LYS A 57 -3.52 -5.29 -12.68
CA LYS A 57 -4.63 -6.21 -12.50
C LYS A 57 -5.41 -5.90 -11.21
N GLY A 58 -6.16 -4.81 -11.21
CA GLY A 58 -6.85 -4.45 -10.00
C GLY A 58 -8.16 -5.17 -9.83
N GLY A 59 -8.81 -4.97 -8.69
CA GLY A 59 -10.05 -5.64 -8.40
C GLY A 59 -9.97 -6.45 -7.13
N ALA A 60 -11.04 -6.33 -6.33
CA ALA A 60 -11.23 -7.04 -5.07
C ALA A 60 -10.09 -6.87 -4.02
N GLY A 61 -9.67 -5.64 -3.81
CA GLY A 61 -8.61 -5.33 -2.80
C GLY A 61 -7.25 -5.92 -3.13
N GLY A 62 -6.99 -6.19 -4.41
CA GLY A 62 -5.80 -6.93 -4.83
C GLY A 62 -5.91 -8.46 -5.01
N ALA A 63 -7.02 -9.05 -4.57
CA ALA A 63 -7.26 -10.52 -4.75
C ALA A 63 -7.18 -10.99 -6.20
N ILE A 64 -7.74 -10.26 -7.14
CA ILE A 64 -7.71 -10.72 -8.54
C ILE A 64 -6.29 -10.90 -9.05
N GLY A 65 -5.48 -9.86 -8.86
CA GLY A 65 -4.12 -9.83 -9.39
C GLY A 65 -3.19 -10.75 -8.62
N ALA A 66 -3.36 -10.82 -7.30
CA ALA A 66 -2.50 -11.71 -6.50
C ALA A 66 -2.75 -13.19 -6.81
N SER A 67 -3.98 -13.54 -7.18
CA SER A 67 -4.37 -14.94 -7.39
C SER A 67 -3.77 -15.38 -8.69
N GLU A 68 -3.82 -14.47 -9.66
CA GLU A 68 -3.18 -14.64 -10.95
C GLU A 68 -1.65 -14.79 -10.89
N ALA A 69 -1.01 -13.92 -10.11
CA ALA A 69 0.42 -14.01 -9.90
C ALA A 69 0.79 -15.36 -9.25
N ALA A 70 -0.08 -15.85 -8.36
CA ALA A 70 0.17 -17.10 -7.64
C ALA A 70 0.13 -18.35 -8.56
N ARG A 71 -0.63 -18.27 -9.65
CA ARG A 71 -0.78 -19.37 -10.61
C ARG A 71 0.32 -19.37 -11.69
N ALA A 72 1.14 -18.31 -11.74
CA ALA A 72 2.18 -18.21 -12.78
C ALA A 72 3.25 -19.30 -12.65
N GLU A 73 3.92 -19.63 -13.76
CA GLU A 73 4.98 -20.62 -13.71
C GLU A 73 6.12 -20.04 -12.92
N PRO A 74 6.78 -20.87 -12.09
CA PRO A 74 7.89 -20.34 -11.29
C PRO A 74 9.23 -20.22 -12.06
N ASP A 75 9.22 -19.55 -13.18
CA ASP A 75 10.45 -19.37 -13.93
C ASP A 75 11.18 -18.04 -13.71
N GLY A 76 10.55 -17.10 -13.00
CA GLY A 76 11.06 -15.76 -12.79
C GLY A 76 10.63 -14.70 -13.81
N TYR A 77 9.85 -15.08 -14.82
CA TYR A 77 9.39 -14.13 -15.84
C TYR A 77 7.94 -13.65 -15.62
N THR A 78 7.31 -14.10 -14.55
CA THR A 78 6.08 -13.47 -14.10
C THR A 78 6.21 -13.21 -12.62
N LEU A 79 6.31 -11.93 -12.28
CA LEU A 79 6.50 -11.51 -10.89
C LEU A 79 5.35 -10.63 -10.48
N SER A 80 5.31 -10.25 -9.22
CA SER A 80 4.22 -9.42 -8.71
C SER A 80 4.70 -8.54 -7.58
N ILE A 81 3.89 -7.51 -7.26
CA ILE A 81 4.18 -6.56 -6.19
C ILE A 81 3.43 -6.93 -4.93
N ALA A 82 4.18 -7.25 -3.86
CA ALA A 82 3.59 -7.52 -2.55
C ALA A 82 3.11 -6.23 -1.97
N THR A 83 1.94 -6.28 -1.33
CA THR A 83 1.34 -5.13 -0.68
C THR A 83 0.76 -5.68 0.59
N VAL A 84 0.47 -4.82 1.56
CA VAL A 84 -0.13 -5.28 2.80
C VAL A 84 -1.57 -5.78 2.56
N SER A 85 -2.25 -5.24 1.56
CA SER A 85 -3.58 -5.71 1.20
C SER A 85 -3.49 -7.19 0.80
N THR A 86 -2.55 -7.50 -0.07
CA THR A 86 -2.47 -8.84 -0.67
C THR A 86 -1.79 -9.88 0.24
N ALA A 88 -1.63 -9.72 3.74
CA ALA A 88 -2.09 -9.73 5.13
C ALA A 88 -3.60 -9.55 5.31
N VAL A 89 -4.15 -8.48 4.71
CA VAL A 89 -5.54 -8.10 5.01
C VAL A 89 -6.53 -8.94 4.21
N ASN A 90 -6.28 -9.14 2.93
CA ASN A 90 -7.16 -10.02 2.13
C ASN A 90 -7.36 -11.42 2.68
N PRO A 91 -6.25 -12.11 3.02
CA PRO A 91 -6.26 -13.33 3.81
C PRO A 91 -7.16 -13.25 5.05
N ALA A 92 -7.08 -12.16 5.81
CA ALA A 92 -7.88 -12.00 7.03
C ALA A 92 -9.35 -11.66 6.74
N CYS A 93 -9.59 -10.95 5.63
CA CYS A 93 -10.92 -10.55 5.19
C CYS A 93 -11.71 -11.72 4.58
N ARG A 94 -11.00 -12.61 3.88
CA ARG A 94 -11.64 -13.72 3.16
C ARG A 94 -10.96 -15.05 3.49
N PRO A 95 -11.05 -15.48 4.78
CA PRO A 95 -10.27 -16.61 5.31
C PRO A 95 -10.62 -18.03 4.76
N LYS A 96 -11.73 -18.19 4.03
CA LYS A 96 -12.19 -19.51 3.60
C LYS A 96 -12.14 -19.59 2.10
N ASP A 97 -12.27 -18.46 1.42
CA ASP A 97 -12.41 -18.50 -0.01
C ASP A 97 -11.41 -17.66 -0.79
N LEU A 98 -10.37 -17.14 -0.14
CA LEU A 98 -9.32 -16.48 -0.91
C LEU A 98 -8.54 -17.58 -1.69
N PRO A 99 -8.36 -17.42 -3.02
CA PRO A 99 -7.68 -18.39 -3.89
C PRO A 99 -6.13 -18.47 -3.82
N TYR A 100 -5.50 -17.87 -2.80
CA TYR A 100 -4.06 -17.99 -2.64
C TYR A 100 -3.73 -17.92 -1.15
N ASP A 101 -2.61 -18.51 -0.76
CA ASP A 101 -2.05 -18.38 0.56
C ASP A 101 -0.85 -17.44 0.35
N PRO A 102 -0.88 -16.22 0.96
CA PRO A 102 0.19 -15.24 0.72
C PRO A 102 1.59 -15.78 1.05
N ILE A 103 1.67 -16.66 2.03
CA ILE A 103 2.97 -17.12 2.53
C ILE A 103 3.46 -18.37 1.77
N LYS A 104 2.59 -19.35 1.59
CA LYS A 104 2.95 -20.61 0.93
C LYS A 104 3.00 -20.51 -0.60
N ASP A 105 2.35 -19.51 -1.22
CA ASP A 105 2.34 -19.47 -2.69
C ASP A 105 3.31 -18.52 -3.33
N PHE A 106 4.06 -17.79 -2.50
CA PHE A 106 5.04 -16.85 -3.03
C PHE A 106 6.42 -17.05 -2.46
N GLN A 107 7.43 -16.92 -3.32
CA GLN A 107 8.80 -16.72 -2.91
C GLN A 107 9.04 -15.21 -2.82
N PRO A 108 9.31 -14.69 -1.60
CA PRO A 108 9.74 -13.27 -1.50
C PRO A 108 11.10 -12.98 -2.11
N VAL A 109 11.22 -11.81 -2.75
CA VAL A 109 12.49 -11.39 -3.31
C VAL A 109 13.10 -10.31 -2.40
N THR A 110 12.34 -9.22 -2.20
CA THR A 110 12.80 -8.05 -1.45
C THR A 110 11.67 -7.03 -1.23
N ASN A 111 11.74 -6.38 -0.08
CA ASN A 111 10.98 -5.19 0.21
C ASN A 111 11.66 -4.01 -0.47
N PHE A 112 10.97 -3.42 -1.44
CA PHE A 112 11.41 -2.18 -2.08
C PHE A 112 11.44 -1.02 -1.10
N ALA A 113 10.31 -0.77 -0.44
CA ALA A 113 10.22 0.45 0.38
C ALA A 113 9.21 0.30 1.47
N ASN A 114 9.54 0.93 2.59
CA ASN A 114 8.57 1.19 3.60
C ASN A 114 7.84 2.49 3.29
N THR A 115 6.52 2.51 3.52
CA THR A 115 5.65 3.57 3.02
C THR A 115 4.63 4.07 4.05
N ALA A 116 4.49 5.40 4.12
CA ALA A 116 3.55 6.04 5.05
C ALA A 116 2.15 5.93 4.51
N ASN A 117 1.21 5.74 5.44
CA ASN A 117 -0.20 5.95 5.15
C ASN A 117 -0.63 7.36 5.59
N VAL A 118 -1.79 7.78 5.12
CA VAL A 118 -2.25 9.15 5.32
C VAL A 118 -3.76 9.18 5.38
N VAL A 119 -4.32 9.98 6.29
CA VAL A 119 -5.75 10.33 6.21
C VAL A 119 -5.82 11.78 5.70
N ALA A 120 -6.51 11.96 4.58
CA ALA A 120 -6.62 13.26 4.00
C ALA A 120 -8.09 13.63 3.76
N VAL A 121 -8.32 14.94 3.63
CA VAL A 121 -9.65 15.45 3.40
C VAL A 121 -9.68 16.33 2.14
N ASN A 122 -10.86 16.40 1.55
CA ASN A 122 -11.12 17.45 0.60
C ASN A 122 -10.94 18.82 1.32
N PRO A 123 -10.33 19.81 0.64
CA PRO A 123 -10.04 21.08 1.31
C PRO A 123 -11.24 21.87 1.84
N LYS A 124 -12.42 21.64 1.29
CA LYS A 124 -13.63 22.28 1.85
C LYS A 124 -14.06 21.65 3.19
N PHE A 125 -13.44 20.54 3.61
CA PHE A 125 -13.79 19.95 4.91
C PHE A 125 -13.45 21.03 5.96
N PRO A 126 -14.36 21.27 6.93
CA PRO A 126 -14.22 22.43 7.84
C PRO A 126 -13.34 22.17 9.08
N ALA A 127 -12.07 21.79 8.87
CA ALA A 127 -11.10 21.55 9.96
C ALA A 127 -9.70 21.74 9.40
N LYS A 128 -8.78 22.18 10.23
CA LYS A 128 -7.44 22.48 9.70
C LYS A 128 -6.42 21.54 10.32
N ASP A 129 -6.88 20.83 11.35
CA ASP A 129 -5.99 19.95 12.10
C ASP A 129 -6.80 18.73 12.54
N PHE A 130 -6.11 17.68 12.98
CA PHE A 130 -6.67 16.43 13.48
C PHE A 130 -7.69 16.62 14.62
N LYS A 131 -7.37 17.51 15.57
CA LYS A 131 -8.28 17.82 16.69
C LYS A 131 -9.66 18.22 16.23
N GLY A 132 -9.72 19.17 15.30
CA GLY A 132 -10.99 19.70 14.75
C GLY A 132 -11.65 18.76 13.74
N PHE A 133 -10.80 17.93 13.12
CA PHE A 133 -11.19 16.84 12.26
C PHE A 133 -12.09 15.83 13.00
N LEU A 134 -11.59 15.32 14.11
CA LEU A 134 -12.39 14.49 14.99
C LEU A 134 -13.67 15.16 15.50
N GLU A 135 -13.57 16.39 15.99
CA GLU A 135 -14.73 17.15 16.43
C GLU A 135 -15.83 17.16 15.38
N GLU A 136 -15.50 17.64 14.17
CA GLU A 136 -16.42 17.67 13.01
C GLU A 136 -17.10 16.30 12.71
N LEU A 137 -16.31 15.22 12.73
CA LEU A 137 -16.86 13.86 12.47
C LEU A 137 -17.79 13.39 13.59
N LYS A 138 -17.49 13.78 14.82
CA LYS A 138 -18.27 13.40 15.98
C LYS A 138 -19.61 14.08 15.99
N LYS A 139 -19.65 15.31 15.46
CA LYS A 139 -20.90 16.08 15.34
C LYS A 139 -21.79 15.60 14.20
N ASN A 140 -21.28 14.71 13.35
CA ASN A 140 -21.98 14.29 12.17
C ASN A 140 -21.81 12.78 11.91
N PRO A 141 -22.16 11.92 12.90
CA PRO A 141 -21.95 10.48 12.68
C PRO A 141 -22.74 10.00 11.49
N GLY A 142 -22.07 9.26 10.61
CA GLY A 142 -22.74 8.63 9.49
C GLY A 142 -22.87 9.51 8.26
N LYS A 143 -22.46 10.77 8.36
CA LYS A 143 -22.70 11.75 7.28
C LYS A 143 -21.55 11.94 6.29
N TYR A 144 -20.33 11.65 6.74
CA TYR A 144 -19.18 11.78 5.84
C TYR A 144 -18.86 10.39 5.33
N SER A 145 -18.26 10.35 4.15
CA SER A 145 -17.77 9.11 3.60
C SER A 145 -16.29 9.19 3.22
N TYR A 146 -15.69 8.01 3.14
CA TYR A 146 -14.27 7.90 2.87
C TYR A 146 -14.09 6.84 1.81
N GLY A 147 -13.05 7.04 1.01
CA GLY A 147 -12.65 6.13 -0.01
C GLY A 147 -11.47 5.28 0.44
N SER A 148 -11.44 4.06 -0.11
CA SER A 148 -10.36 3.12 0.06
C SER A 148 -9.97 2.52 -1.32
N SER A 149 -8.94 1.68 -1.29
CA SER A 149 -8.46 0.98 -2.49
C SER A 149 -9.12 -0.38 -2.66
N GLY A 150 -10.06 -0.74 -1.78
CA GLY A 150 -10.83 -1.98 -1.91
C GLY A 150 -11.29 -2.59 -0.60
N THR A 151 -12.39 -3.34 -0.68
CA THR A 151 -13.04 -3.90 0.49
C THR A 151 -12.19 -4.76 1.41
N CYS A 152 -11.26 -5.51 0.84
CA CYS A 152 -10.45 -6.41 1.67
C CYS A 152 -8.99 -5.93 1.78
N GLY A 153 -8.79 -4.66 1.48
CA GLY A 153 -7.49 -4.05 1.43
C GLY A 153 -7.13 -3.33 2.72
N VAL A 154 -5.84 -2.97 2.82
CA VAL A 154 -5.34 -2.28 3.99
C VAL A 154 -5.97 -0.90 4.28
N LEU A 155 -6.45 -0.21 3.26
CA LEU A 155 -6.99 1.12 3.48
C LEU A 155 -8.43 1.08 4.00
N HIS A 156 -9.19 0.04 3.63
CA HIS A 156 -10.50 -0.25 4.26
C HIS A 156 -10.27 -0.62 5.74
N LEU A 157 -9.30 -1.48 6.01
CA LEU A 157 -8.98 -1.80 7.40
C LEU A 157 -8.48 -0.55 8.17
N GLY A 159 -9.39 2.64 7.56
CA GLY A 159 -10.59 3.40 7.86
C GLY A 159 -11.40 2.89 9.03
N GLU A 160 -11.50 1.56 9.13
CA GLU A 160 -12.31 0.88 10.13
C GLU A 160 -11.63 0.92 11.47
N SER A 161 -10.31 0.74 11.44
CA SER A 161 -9.45 0.96 12.63
C SER A 161 -9.54 2.38 13.19
N PHE A 162 -9.53 3.36 12.30
CA PHE A 162 -9.68 4.75 12.65
C PHE A 162 -11.00 5.02 13.38
N LYS A 163 -12.08 4.54 12.78
CA LYS A 163 -13.43 4.63 13.33
C LYS A 163 -13.48 4.07 14.75
N ALA A 165 -11.01 3.46 16.93
CA ALA A 165 -10.09 4.08 17.89
C ALA A 165 -10.53 5.47 18.27
N THR A 166 -11.17 6.16 17.33
CA THR A 166 -11.53 7.56 17.54
C THR A 166 -13.00 7.66 17.91
N GLY A 167 -13.77 6.58 17.79
CA GLY A 167 -15.20 6.71 18.06
C GLY A 167 -15.91 7.58 17.02
N THR A 168 -15.58 7.36 15.75
CA THR A 168 -16.24 8.06 14.68
C THR A 168 -16.99 7.07 13.80
N ASP A 169 -17.89 7.60 12.95
CA ASP A 169 -18.78 6.82 12.10
C ASP A 169 -18.77 7.53 10.77
N ILE A 170 -18.17 6.86 9.79
CA ILE A 170 -17.91 7.41 8.48
C ILE A 170 -18.10 6.26 7.56
N VAL A 171 -18.57 6.56 6.35
CA VAL A 171 -19.05 5.53 5.44
C VAL A 171 -18.01 5.16 4.40
N HIS A 172 -17.71 3.87 4.36
CA HIS A 172 -16.73 3.31 3.44
C HIS A 172 -17.22 3.27 2.02
N VAL A 173 -16.43 3.84 1.10
CA VAL A 173 -16.68 3.66 -0.31
C VAL A 173 -15.41 3.08 -0.93
N PRO A 174 -15.48 1.78 -1.32
CA PRO A 174 -14.33 1.13 -1.97
C PRO A 174 -14.12 1.58 -3.42
N TYR A 175 -12.87 1.57 -3.86
CA TYR A 175 -12.55 1.81 -5.25
C TYR A 175 -11.67 0.67 -5.72
N LYS A 176 -11.44 0.60 -7.02
CA LYS A 176 -10.53 -0.41 -7.63
C LYS A 176 -9.00 -0.23 -7.33
N GLY A 177 -8.73 0.84 -6.60
CA GLY A 177 -7.44 1.15 -6.03
C GLY A 177 -7.54 2.62 -5.64
N SER A 178 -6.49 3.15 -5.01
CA SER A 178 -6.43 4.55 -4.58
C SER A 178 -6.42 5.55 -5.75
N GLY A 179 -5.93 5.14 -6.91
CA GLY A 179 -6.04 5.96 -8.13
C GLY A 179 -7.41 6.62 -8.27
N PRO A 180 -8.46 5.82 -8.53
CA PRO A 180 -9.78 6.43 -8.62
C PRO A 180 -10.28 7.07 -7.31
N ALA A 181 -9.80 6.59 -6.16
CA ALA A 181 -10.21 7.19 -4.90
C ALA A 181 -9.66 8.61 -4.75
N VAL A 182 -8.39 8.81 -5.09
CA VAL A 182 -7.74 10.11 -4.96
C VAL A 182 -8.49 11.14 -5.82
N ALA A 183 -8.88 10.74 -7.03
CA ALA A 183 -9.63 11.63 -7.91
C ALA A 183 -11.06 11.96 -7.38
N ASP A 184 -11.75 11.01 -6.77
CA ASP A 184 -13.02 11.34 -6.14
C ASP A 184 -12.91 12.23 -4.90
N ALA A 185 -11.89 11.98 -4.08
CA ALA A 185 -11.60 12.84 -2.93
C ALA A 185 -11.18 14.25 -3.37
N VAL A 186 -10.39 14.34 -4.45
CA VAL A 186 -10.03 15.65 -4.98
C VAL A 186 -11.28 16.36 -5.54
N GLY A 187 -12.20 15.59 -6.12
CA GLY A 187 -13.44 16.11 -6.69
C GLY A 187 -14.57 16.36 -5.70
N GLY A 188 -14.47 15.81 -4.49
CA GLY A 188 -15.47 16.05 -3.47
C GLY A 188 -16.58 15.00 -3.47
N GLN A 189 -16.47 13.97 -4.31
CA GLN A 189 -17.50 12.92 -4.31
C GLN A 189 -17.40 12.08 -3.02
N ILE A 190 -16.22 12.09 -2.40
CA ILE A 190 -16.00 11.57 -1.03
C ILE A 190 -15.28 12.71 -0.32
N GLU A 191 -15.54 12.92 0.96
CA GLU A 191 -14.94 14.02 1.72
C GLU A 191 -13.54 13.61 2.26
N LEU A 192 -13.41 12.32 2.59
CA LEU A 192 -12.22 11.75 3.21
C LEU A 192 -11.61 10.69 2.29
N ILE A 193 -10.31 10.47 2.47
CA ILE A 193 -9.64 9.35 1.83
C ILE A 193 -8.65 8.79 2.81
N PHE A 194 -8.62 7.46 2.91
CA PHE A 194 -7.52 6.77 3.58
C PHE A 194 -6.63 6.25 2.49
N ASP A 195 -5.38 6.69 2.47
CA ASP A 195 -4.47 6.29 1.42
C ASP A 195 -3.06 5.95 1.92
N ASN A 196 -2.30 5.32 1.02
CA ASN A 196 -0.88 5.19 1.14
C ASN A 196 -0.40 6.49 0.58
N LEU A 197 0.60 7.08 1.22
CA LEU A 197 1.00 8.46 0.95
C LEU A 197 1.39 8.79 -0.52
N PRO A 198 2.23 7.97 -1.18
CA PRO A 198 2.65 8.33 -2.55
C PRO A 198 1.59 8.78 -3.58
N SER A 199 0.40 8.17 -3.60
CA SER A 199 -0.64 8.54 -4.58
C SER A 199 -1.38 9.84 -4.22
N SER A 200 -1.46 10.12 -2.92
CA SER A 200 -2.09 11.34 -2.48
C SER A 200 -1.08 12.48 -2.45
N PRO A 202 1.10 14.09 -4.56
CA PRO A 202 0.98 15.21 -5.53
C PRO A 202 -0.19 16.16 -5.28
N GLN A 203 -1.34 15.60 -4.88
CA GLN A 203 -2.53 16.41 -4.62
C GLN A 203 -2.41 17.20 -3.34
N ILE A 204 -1.68 16.67 -2.38
CA ILE A 204 -1.52 17.33 -1.11
C ILE A 204 -0.60 18.53 -1.34
N GLN A 205 0.48 18.28 -2.09
CA GLN A 205 1.44 19.31 -2.43
C GLN A 205 0.76 20.47 -3.14
N ALA A 206 -0.15 20.15 -4.07
CA ALA A 206 -0.86 21.13 -4.89
C ALA A 206 -2.01 21.77 -4.16
N GLY A 207 -2.31 21.31 -2.94
CA GLY A 207 -3.37 21.87 -2.13
C GLY A 207 -4.75 21.35 -2.49
N LYS A 208 -4.80 20.26 -3.28
CA LYS A 208 -6.11 19.68 -3.70
C LYS A 208 -6.67 18.68 -2.68
N LEU A 209 -5.79 18.16 -1.80
CA LEU A 209 -6.19 17.48 -0.58
C LEU A 209 -5.44 18.10 0.56
N ARG A 210 -6.01 18.00 1.79
CA ARG A 210 -5.34 18.36 3.04
C ARG A 210 -5.14 17.11 3.88
N ALA A 211 -3.89 16.82 4.23
CA ALA A 211 -3.55 15.67 5.04
C ALA A 211 -3.75 15.98 6.54
N ALA A 213 -3.23 13.45 9.17
CA ALA A 213 -2.19 12.69 9.88
C ALA A 213 -1.55 11.71 8.91
N ILE A 214 -0.32 11.31 9.19
CA ILE A 214 0.39 10.30 8.40
C ILE A 214 0.73 9.15 9.35
N ALA A 215 0.80 7.93 8.82
CA ALA A 215 1.30 6.80 9.61
C ALA A 215 2.80 6.55 9.31
N TRP A 216 3.66 6.90 10.25
CA TRP A 216 5.10 6.99 10.02
C TRP A 216 5.75 7.23 11.38
N PRO A 217 7.02 6.84 11.54
CA PRO A 217 7.67 7.13 12.83
C PRO A 217 7.82 8.60 13.15
N THR A 218 7.99 9.43 12.15
CA THR A 218 8.16 10.83 12.38
C THR A 218 7.38 11.60 11.32
N ARG A 219 7.32 12.93 11.50
CA ARG A 219 6.98 13.84 10.42
C ARG A 219 7.92 13.69 9.22
N ILE A 220 7.36 13.97 8.05
CA ILE A 220 8.05 13.82 6.78
C ILE A 220 8.34 15.21 6.16
N ASP A 221 9.59 15.42 5.72
CA ASP A 221 10.08 16.70 5.21
C ASP A 221 9.26 17.31 4.10
N ALA A 222 8.70 16.46 3.25
CA ALA A 222 7.84 16.89 2.16
C ALA A 222 6.65 17.62 2.70
N ILE A 223 6.15 17.19 3.86
CA ILE A 223 4.92 17.74 4.42
C ILE A 223 5.06 17.85 5.96
N LYS A 224 6.04 18.67 6.34
CA LYS A 224 6.56 18.71 7.71
C LYS A 224 5.53 19.04 8.79
N ASP A 225 4.55 19.84 8.43
CA ASP A 225 3.50 20.24 9.35
C ASP A 225 2.38 19.26 9.63
N VAL A 226 2.30 18.15 8.88
CA VAL A 226 1.34 17.08 9.11
C VAL A 226 1.86 16.20 10.24
N PRO A 227 1.08 16.06 11.32
CA PRO A 227 1.54 15.20 12.42
C PRO A 227 1.41 13.72 12.10
N THR A 228 2.16 12.88 12.80
CA THR A 228 1.91 11.45 12.77
C THR A 228 0.68 11.11 13.64
N PHE A 229 0.21 9.87 13.52
CA PHE A 229 -0.91 9.42 14.33
C PHE A 229 -0.54 9.35 15.80
N ALA A 230 0.76 9.12 16.07
CA ALA A 230 1.29 9.16 17.44
C ALA A 230 1.27 10.61 17.99
N ASP A 231 1.68 11.57 17.16
CA ASP A 231 1.51 12.99 17.52
C ASP A 231 0.04 13.33 17.79
N ALA A 232 -0.89 12.85 16.94
CA ALA A 232 -2.33 13.09 17.11
C ALA A 232 -2.94 12.44 18.36
N GLY A 233 -2.19 11.55 18.98
CA GLY A 233 -2.60 10.88 20.23
C GLY A 233 -3.25 9.53 20.00
N PHE A 234 -3.06 8.96 18.81
CA PHE A 234 -3.51 7.62 18.46
C PHE A 234 -2.40 6.73 17.95
N PRO A 235 -1.40 6.39 18.82
CA PRO A 235 -0.26 5.58 18.37
C PRO A 235 -0.61 4.19 17.80
N VAL A 236 -1.75 3.61 18.15
CA VAL A 236 -2.17 2.31 17.59
C VAL A 236 -2.37 2.43 16.09
N LEU A 237 -2.70 3.65 15.64
CA LEU A 237 -2.98 3.88 14.23
C LEU A 237 -1.72 4.19 13.43
N ASN A 238 -0.58 4.35 14.11
CA ASN A 238 0.63 4.80 13.46
C ASN A 238 1.43 3.67 12.78
N GLN A 239 0.74 2.89 11.94
CA GLN A 239 1.32 1.73 11.23
C GLN A 239 1.54 2.00 9.73
N PRO A 240 2.80 2.07 9.30
CA PRO A 240 3.01 2.15 7.86
C PRO A 240 2.82 0.82 7.14
N VAL A 241 2.95 0.89 5.82
CA VAL A 241 2.91 -0.29 4.95
C VAL A 241 4.28 -0.43 4.22
N TRP A 242 4.29 -1.22 3.14
CA TRP A 242 5.49 -1.47 2.35
C TRP A 242 5.09 -2.06 1.01
N TYR A 243 6.03 -2.00 0.07
CA TYR A 243 5.91 -2.56 -1.27
C TYR A 243 7.13 -3.40 -1.60
N GLY A 244 6.92 -4.59 -2.13
CA GLY A 244 8.05 -5.45 -2.46
C GLY A 244 7.81 -6.36 -3.65
N LEU A 245 8.79 -7.23 -3.91
CA LEU A 245 8.80 -8.03 -5.10
C LEU A 245 8.62 -9.51 -4.71
N LEU A 246 7.75 -10.19 -5.45
CA LEU A 246 7.39 -11.59 -5.19
C LEU A 246 7.59 -12.36 -6.45
N ALA A 247 8.04 -13.59 -6.29
CA ALA A 247 8.00 -14.60 -7.34
C ALA A 247 7.11 -15.79 -6.87
N PRO A 248 6.63 -16.60 -7.84
CA PRO A 248 5.90 -17.79 -7.40
C PRO A 248 6.78 -18.69 -6.55
N LYS A 249 6.16 -19.40 -5.63
CA LYS A 249 6.87 -20.43 -4.85
C LYS A 249 7.60 -21.43 -5.81
N GLY A 250 8.87 -21.71 -5.52
CA GLY A 250 9.62 -22.67 -6.33
C GLY A 250 10.52 -22.02 -7.36
N THR A 251 10.40 -20.71 -7.53
CA THR A 251 11.30 -19.98 -8.41
C THR A 251 12.73 -20.16 -7.87
N PRO A 252 13.67 -20.56 -8.74
CA PRO A 252 15.05 -20.87 -8.31
C PRO A 252 15.71 -19.69 -7.58
N ASP A 254 18.74 -18.72 -7.79
CA ASP A 254 19.48 -17.98 -8.82
C ASP A 254 18.70 -16.77 -9.29
N VAL A 255 17.42 -17.00 -9.63
CA VAL A 255 16.51 -15.98 -10.11
C VAL A 255 16.25 -14.91 -9.03
N VAL A 256 15.88 -15.38 -7.83
CA VAL A 256 15.67 -14.56 -6.63
C VAL A 256 16.86 -13.63 -6.34
N ASN A 257 18.07 -14.19 -6.30
CA ASN A 257 19.26 -13.40 -6.02
C ASN A 257 19.62 -12.47 -7.15
N LYS A 258 19.36 -12.87 -8.38
CA LYS A 258 19.60 -11.96 -9.48
C LYS A 258 18.71 -10.72 -9.39
N LEU A 259 17.42 -10.95 -9.18
CA LEU A 259 16.41 -9.91 -9.03
C LEU A 259 16.68 -9.00 -7.82
N ARG A 260 17.05 -9.60 -6.70
CA ARG A 260 17.29 -8.86 -5.49
C ARG A 260 18.49 -7.95 -5.68
N ASP A 261 19.53 -8.48 -6.31
CA ASP A 261 20.69 -7.67 -6.62
C ASP A 261 20.38 -6.44 -7.47
N ALA A 262 19.53 -6.64 -8.48
CA ALA A 262 19.11 -5.53 -9.31
C ALA A 262 18.25 -4.53 -8.55
N ALA A 263 17.44 -5.02 -7.59
CA ALA A 263 16.64 -4.17 -6.71
C ALA A 263 17.55 -3.31 -5.84
N VAL A 264 18.57 -3.95 -5.27
CA VAL A 264 19.55 -3.27 -4.42
C VAL A 264 20.29 -2.19 -5.24
N VAL A 265 20.67 -2.49 -6.47
CA VAL A 265 21.30 -1.46 -7.30
C VAL A 265 20.35 -0.29 -7.54
N ALA A 266 19.11 -0.62 -7.93
CA ALA A 266 18.08 0.38 -8.26
C ALA A 266 17.77 1.33 -7.09
N LEU A 267 17.68 0.76 -5.89
CA LEU A 267 17.43 1.49 -4.64
C LEU A 267 18.59 2.34 -4.10
N LYS A 268 19.79 2.15 -4.68
CA LYS A 268 20.92 3.04 -4.47
C LYS A 268 20.95 4.17 -5.51
N ASP A 269 20.09 4.12 -6.51
CA ASP A 269 20.12 5.16 -7.52
C ASP A 269 19.56 6.46 -6.92
N PRO A 270 20.34 7.58 -7.05
CA PRO A 270 20.01 8.80 -6.31
C PRO A 270 18.66 9.39 -6.71
N LYS A 271 18.26 9.20 -7.97
CA LYS A 271 16.96 9.63 -8.46
C LYS A 271 15.80 8.79 -7.86
N VAL A 272 16.07 7.51 -7.60
CA VAL A 272 15.07 6.62 -6.98
C VAL A 272 14.94 6.94 -5.49
N ILE A 273 16.09 7.10 -4.82
CA ILE A 273 16.12 7.60 -3.46
C ILE A 273 15.30 8.89 -3.28
N LYS A 274 15.53 9.90 -4.12
CA LYS A 274 14.78 11.17 -4.10
C LYS A 274 13.26 10.98 -4.30
N ALA A 275 12.88 10.30 -5.36
CA ALA A 275 11.49 9.98 -5.61
C ALA A 275 10.81 9.32 -4.39
N LEU A 276 11.46 8.32 -3.79
CA LEU A 276 10.94 7.63 -2.59
C LEU A 276 10.78 8.56 -1.41
N ASP A 277 11.82 9.34 -1.16
CA ASP A 277 11.81 10.40 -0.17
C ASP A 277 10.67 11.40 -0.39
N ASP A 278 10.55 11.91 -1.61
CA ASP A 278 9.53 12.92 -1.93
C ASP A 278 8.09 12.43 -1.84
N GLN A 279 7.88 11.13 -2.05
CA GLN A 279 6.52 10.56 -2.08
C GLN A 279 6.04 10.10 -0.71
N GLY A 280 6.97 9.94 0.24
CA GLY A 280 6.60 9.51 1.57
C GLY A 280 6.95 8.06 1.86
N SER A 281 8.03 7.56 1.21
CA SER A 281 8.58 6.23 1.42
C SER A 281 10.09 6.29 1.80
N ALA A 282 10.62 5.13 2.12
CA ALA A 282 12.01 4.99 2.43
C ALA A 282 12.46 3.63 1.90
N PRO A 283 13.62 3.62 1.21
CA PRO A 283 14.09 2.34 0.61
C PRO A 283 14.36 1.26 1.66
N SER A 284 14.07 0.00 1.32
CA SER A 284 14.46 -1.15 2.14
C SER A 284 15.58 -1.98 1.43
N GLY A 285 15.22 -2.81 0.45
CA GLY A 285 16.19 -3.63 -0.26
C GLY A 285 16.79 -4.65 0.71
N ASN A 286 15.94 -5.15 1.61
CA ASN A 286 16.30 -6.19 2.59
C ASN A 286 16.33 -7.57 1.92
N THR A 287 16.61 -8.61 2.69
CA THR A 287 16.78 -9.95 2.12
C THR A 287 15.42 -10.60 1.98
N PRO A 288 15.34 -11.66 1.11
CA PRO A 288 14.11 -12.46 1.02
C PRO A 288 13.55 -12.83 2.40
N GLU A 289 14.41 -13.30 3.31
CA GLU A 289 14.01 -13.73 4.65
C GLU A 289 13.52 -12.58 5.53
N GLU A 290 14.15 -11.43 5.39
CA GLU A 290 13.75 -10.27 6.18
C GLU A 290 12.36 -9.82 5.73
N PHE A 291 12.14 -9.84 4.42
CA PHE A 291 10.82 -9.52 3.85
C PHE A 291 9.76 -10.55 4.30
N ALA A 292 10.08 -11.84 4.25
CA ALA A 292 9.14 -12.90 4.68
C ALA A 292 8.72 -12.69 6.12
N LYS A 293 9.65 -12.19 6.93
CA LYS A 293 9.39 -11.90 8.35
C LYS A 293 8.42 -10.69 8.49
N GLU A 294 8.62 -9.67 7.68
CA GLU A 294 7.71 -8.53 7.57
C GLU A 294 6.33 -8.97 7.11
N ILE A 295 6.29 -9.84 6.10
CA ILE A 295 5.04 -10.36 5.58
C ILE A 295 4.24 -11.06 6.64
N LYS A 296 4.91 -11.94 7.39
CA LYS A 296 4.33 -12.70 8.51
C LYS A 296 3.86 -11.77 9.64
N GLU A 297 4.69 -10.79 9.98
CA GLU A 297 4.25 -9.74 10.93
C GLU A 297 2.96 -9.10 10.51
N GLN A 298 2.86 -8.63 9.28
CA GLN A 298 1.63 -7.95 8.88
C GLN A 298 0.46 -8.94 8.86
N TYR A 299 0.67 -10.13 8.32
CA TYR A 299 -0.33 -11.18 8.29
C TYR A 299 -0.89 -11.45 9.68
N ASP A 300 -0.02 -11.65 10.64
CA ASP A 300 -0.46 -11.95 12.00
C ASP A 300 -1.21 -10.79 12.60
N TRP A 301 -0.72 -9.58 12.37
CA TRP A 301 -1.39 -8.40 12.87
C TRP A 301 -2.83 -8.26 12.27
N ALA A 302 -3.00 -8.48 10.97
CA ALA A 302 -4.32 -8.43 10.34
C ALA A 302 -5.33 -9.47 10.88
N GLN A 303 -4.83 -10.69 11.16
CA GLN A 303 -5.63 -11.72 11.83
C GLN A 303 -6.05 -11.19 13.18
N ASP A 304 -5.09 -10.68 13.96
CA ASP A 304 -5.39 -10.10 15.27
C ASP A 304 -6.51 -9.05 15.15
N VAL A 305 -6.20 -7.92 14.51
CA VAL A 305 -7.14 -6.80 14.24
C VAL A 305 -8.56 -7.17 13.81
N VAL A 306 -8.69 -7.98 12.75
CA VAL A 306 -10.00 -8.34 12.18
C VAL A 306 -10.77 -9.30 13.07
N LYS A 307 -10.10 -10.38 13.50
CA LYS A 307 -10.74 -11.53 14.18
C LYS A 307 -10.97 -11.28 15.68
N LYS A 308 -9.88 -11.12 16.44
CA LYS A 308 -9.94 -10.44 17.74
C LYS A 308 -10.14 -8.93 17.46
N GLN A 309 -10.49 -8.14 18.46
CA GLN A 309 -10.72 -6.67 18.28
C GLN A 309 -11.95 -6.23 17.42
N ASN A 310 -12.64 -7.17 16.80
CA ASN A 310 -14.01 -6.97 16.25
C ASN A 310 -14.09 -5.84 15.20
N ILE A 311 -13.06 -5.73 14.39
CA ILE A 311 -13.07 -4.75 13.28
C ILE A 311 -13.50 -5.40 11.97
N LYS A 312 -14.81 -5.29 11.68
CA LYS A 312 -15.46 -5.93 10.51
C LYS A 312 -15.15 -5.30 9.14
N LEU A 313 -14.73 -6.12 8.19
CA LEU A 313 -14.44 -5.66 6.83
C LEU A 313 -15.56 -5.94 5.83
N ASP A 314 -16.22 -7.08 5.96
CA ASP A 314 -17.50 -7.29 5.24
C ASP A 314 -18.62 -7.85 6.13
#